data_2NV0
#
_entry.id   2NV0
#
_cell.length_a   45.440
_cell.length_b   81.606
_cell.length_c   117.285
_cell.angle_alpha   90.00
_cell.angle_beta   90.00
_cell.angle_gamma   90.00
#
_symmetry.space_group_name_H-M   'P 21 21 21'
#
loop_
_entity.id
_entity.type
_entity.pdbx_description
1 polymer 'Glutamine amidotransferase subunit pdxT'
2 water water
#
_entity_poly.entity_id   1
_entity_poly.type   'polypeptide(L)'
_entity_poly.pdbx_seq_one_letter_code
;MLTIGVLGLQGAVREHIHAIEACGAAGLVVKRPEQLNEVDGLILPGGESTTMRRLIDTYQFMEPLREFAAQGKPMFGTCA
GLIILAKEIAGSDNPHLGLLNVVVERNSFGRQVDSFEADLTIKGLDEPFTGVFIRAPHILEAGENVEVLSEHNGRIVAAK
QGQFLGCSFHPELTEDHRVTQLFVEMVEEYKQKALV
;
_entity_poly.pdbx_strand_id   A,B
#
# COMPACT_ATOMS: atom_id res chain seq x y z
N MET A 1 -14.65 12.02 -19.61
CA MET A 1 -14.78 11.86 -18.15
C MET A 1 -13.48 12.14 -17.38
N LEU A 2 -13.62 12.25 -16.06
CA LEU A 2 -12.56 12.75 -15.22
C LEU A 2 -11.57 11.67 -14.88
N THR A 3 -10.31 12.07 -14.78
CA THR A 3 -9.30 11.24 -14.17
C THR A 3 -8.79 11.94 -12.90
N ILE A 4 -8.84 11.23 -11.79
CA ILE A 4 -8.27 11.73 -10.53
C ILE A 4 -7.05 10.84 -10.14
N GLY A 5 -5.92 11.49 -9.90
CA GLY A 5 -4.73 10.84 -9.41
C GLY A 5 -4.69 10.61 -7.92
N VAL A 6 -3.96 9.59 -7.49
CA VAL A 6 -3.68 9.42 -6.09
C VAL A 6 -2.15 9.32 -6.00
N LEU A 7 -1.53 10.20 -5.26
CA LEU A 7 -0.09 10.12 -5.09
C LEU A 7 0.32 8.79 -4.44
N GLY A 8 1.22 8.07 -5.07
CA GLY A 8 1.43 6.67 -4.72
C GLY A 8 2.80 6.38 -4.20
N LEU A 9 3.51 7.38 -3.69
CA LEU A 9 4.85 7.16 -3.17
C LEU A 9 4.89 6.37 -1.87
N GLN A 10 3.87 6.59 -1.04
CA GLN A 10 3.87 6.06 0.30
C GLN A 10 2.45 5.81 0.75
N GLY A 11 2.26 4.68 1.41
CA GLY A 11 1.01 4.37 2.05
C GLY A 11 0.10 3.65 1.10
N ALA A 12 -1.11 3.37 1.60
CA ALA A 12 -2.09 2.66 0.85
C ALA A 12 -2.79 3.60 -0.17
N VAL A 13 -3.02 3.09 -1.37
CA VAL A 13 -3.73 3.81 -2.46
C VAL A 13 -4.95 3.05 -2.99
N ARG A 14 -5.02 1.74 -2.74
CA ARG A 14 -6.08 0.94 -3.34
C ARG A 14 -7.49 1.44 -2.96
N GLU A 15 -7.69 1.83 -1.71
CA GLU A 15 -9.01 2.25 -1.25
C GLU A 15 -9.41 3.62 -1.86
N HIS A 16 -8.45 4.52 -2.00
CA HIS A 16 -8.73 5.81 -2.66
C HIS A 16 -9.13 5.63 -4.12
N ILE A 17 -8.39 4.76 -4.82
CA ILE A 17 -8.75 4.48 -6.21
C ILE A 17 -10.15 3.87 -6.27
N HIS A 18 -10.43 2.90 -5.40
CA HIS A 18 -11.74 2.29 -5.38
C HIS A 18 -12.81 3.35 -5.20
N ALA A 19 -12.59 4.29 -4.25
CA ALA A 19 -13.59 5.35 -3.99
C ALA A 19 -13.78 6.28 -5.21
N ILE A 20 -12.68 6.69 -5.83
CA ILE A 20 -12.72 7.43 -7.09
C ILE A 20 -13.52 6.68 -8.13
N GLU A 21 -13.19 5.41 -8.31
CA GLU A 21 -13.94 4.60 -9.30
C GLU A 21 -15.43 4.50 -8.95
N ALA A 22 -15.73 4.37 -7.66
CA ALA A 22 -17.12 4.26 -7.16
C ALA A 22 -17.93 5.51 -7.48
N CYS A 23 -17.25 6.65 -7.63
CA CYS A 23 -17.91 7.94 -7.97
C CYS A 23 -17.96 8.20 -9.48
N GLY A 24 -17.56 7.22 -10.27
CA GLY A 24 -17.66 7.37 -11.73
C GLY A 24 -16.53 8.09 -12.43
N ALA A 25 -15.41 8.27 -11.72
CA ALA A 25 -14.20 8.81 -12.32
C ALA A 25 -13.19 7.68 -12.51
N ALA A 26 -12.17 7.96 -13.32
CA ALA A 26 -11.05 7.05 -13.56
C ALA A 26 -10.02 7.38 -12.51
N GLY A 27 -9.41 6.36 -11.92
CA GLY A 27 -8.35 6.56 -10.94
C GLY A 27 -6.99 6.26 -11.53
N LEU A 28 -5.99 7.09 -11.21
CA LEU A 28 -4.60 6.80 -11.59
C LEU A 28 -3.64 6.91 -10.41
N VAL A 29 -2.86 5.86 -10.15
CA VAL A 29 -1.83 5.91 -9.13
C VAL A 29 -0.62 6.68 -9.70
N VAL A 30 -0.40 7.87 -9.17
CA VAL A 30 0.69 8.72 -9.58
C VAL A 30 2.01 8.41 -8.87
N LYS A 31 2.94 7.82 -9.65
CA LYS A 31 4.25 7.41 -9.13
C LYS A 31 5.35 8.31 -9.66
N ARG A 32 5.08 9.02 -10.74
CA ARG A 32 6.07 9.88 -11.32
C ARG A 32 5.49 11.24 -11.63
N PRO A 33 6.28 12.28 -11.47
CA PRO A 33 5.75 13.64 -11.68
C PRO A 33 5.07 13.89 -13.02
N GLU A 34 5.61 13.34 -14.13
CA GLU A 34 4.97 13.57 -15.41
C GLU A 34 3.50 13.12 -15.44
N GLN A 35 3.17 12.16 -14.61
CA GLN A 35 1.80 11.64 -14.63
C GLN A 35 0.79 12.68 -14.11
N LEU A 36 1.27 13.71 -13.44
CA LEU A 36 0.37 14.79 -13.02
C LEU A 36 -0.30 15.48 -14.21
N ASN A 37 0.39 15.54 -15.36
CA ASN A 37 -0.23 16.05 -16.56
C ASN A 37 -1.40 15.18 -17.07
N GLU A 38 -1.51 13.95 -16.58
CA GLU A 38 -2.52 13.02 -17.02
C GLU A 38 -3.78 13.02 -16.16
N VAL A 39 -3.84 13.86 -15.13
CA VAL A 39 -5.01 13.84 -14.25
C VAL A 39 -5.61 15.24 -14.09
N ASP A 40 -6.88 15.28 -13.72
CA ASP A 40 -7.60 16.55 -13.57
C ASP A 40 -7.59 17.04 -12.10
N GLY A 41 -7.34 16.12 -11.17
CA GLY A 41 -7.21 16.45 -9.75
C GLY A 41 -6.36 15.39 -9.06
N LEU A 42 -5.94 15.66 -7.83
CA LEU A 42 -4.99 14.77 -7.15
C LEU A 42 -5.36 14.61 -5.68
N ILE A 43 -5.38 13.36 -5.25
CA ILE A 43 -5.44 13.04 -3.83
C ILE A 43 -4.05 12.82 -3.30
N LEU A 44 -3.74 13.48 -2.18
CA LEU A 44 -2.48 13.27 -1.49
C LEU A 44 -2.77 12.53 -0.19
N PRO A 45 -2.53 11.22 -0.15
CA PRO A 45 -2.92 10.40 1.01
C PRO A 45 -1.77 10.18 1.97
N GLY A 46 -1.43 8.90 2.23
CA GLY A 46 -0.26 8.52 3.02
C GLY A 46 -0.53 8.43 4.51
N GLY A 47 0.39 7.78 5.21
CA GLY A 47 0.27 7.65 6.63
C GLY A 47 1.35 8.37 7.39
N GLU A 48 2.48 8.56 6.76
CA GLU A 48 3.66 9.00 7.46
C GLU A 48 4.25 10.21 6.73
N SER A 49 3.87 11.41 7.17
CA SER A 49 4.22 12.62 6.42
C SER A 49 5.74 12.80 6.23
N THR A 50 6.52 12.46 7.24
CA THR A 50 7.97 12.62 7.16
C THR A 50 8.53 11.71 6.06
N THR A 51 8.15 10.43 6.13
CA THR A 51 8.45 9.47 5.07
C THR A 51 7.96 10.02 3.73
N MET A 52 6.74 10.54 3.72
CA MET A 52 6.14 11.00 2.46
C MET A 52 6.95 12.16 1.87
N ARG A 53 7.34 13.09 2.74
CA ARG A 53 8.11 14.25 2.30
C ARG A 53 9.49 13.85 1.74
N ARG A 54 10.17 12.93 2.43
CA ARG A 54 11.45 12.44 1.96
C ARG A 54 11.32 11.87 0.56
N LEU A 55 10.28 11.08 0.34
CA LEU A 55 10.01 10.52 -0.98
C LEU A 55 9.67 11.58 -2.04
N ILE A 56 8.82 12.53 -1.66
CA ILE A 56 8.54 13.68 -2.50
C ILE A 56 9.83 14.37 -2.98
N ASP A 57 10.82 14.47 -2.11
CA ASP A 57 12.11 15.06 -2.48
C ASP A 57 12.84 14.11 -3.43
N THR A 58 12.99 12.87 -2.98
CA THR A 58 13.67 11.83 -3.76
C THR A 58 13.14 11.77 -5.18
N TYR A 59 11.82 11.72 -5.33
CA TYR A 59 11.22 11.61 -6.66
C TYR A 59 10.93 12.97 -7.36
N GLN A 60 11.46 14.03 -6.77
CA GLN A 60 11.36 15.40 -7.29
C GLN A 60 9.92 15.86 -7.63
N PHE A 61 9.03 15.69 -6.65
CA PHE A 61 7.64 16.06 -6.84
C PHE A 61 7.23 17.47 -6.42
N MET A 62 8.08 18.19 -5.69
CA MET A 62 7.59 19.42 -5.06
C MET A 62 7.23 20.47 -6.07
N GLU A 63 8.13 20.77 -7.01
CA GLU A 63 7.81 21.80 -7.95
C GLU A 63 6.71 21.37 -8.94
N PRO A 64 6.71 20.12 -9.41
CA PRO A 64 5.55 19.69 -10.19
C PRO A 64 4.21 19.87 -9.47
N LEU A 65 4.20 19.59 -8.15
CA LEU A 65 2.96 19.73 -7.36
C LEU A 65 2.57 21.22 -7.28
N ARG A 66 3.57 22.09 -7.13
CA ARG A 66 3.29 23.54 -7.20
C ARG A 66 2.75 24.02 -8.56
N GLU A 67 3.31 23.50 -9.65
CA GLU A 67 2.82 23.82 -10.98
C GLU A 67 1.39 23.29 -11.23
N PHE A 68 1.10 22.07 -10.76
CA PHE A 68 -0.23 21.46 -10.81
C PHE A 68 -1.28 22.39 -10.12
N ALA A 69 -0.90 22.89 -8.95
CA ALA A 69 -1.77 23.80 -8.22
C ALA A 69 -2.00 25.10 -9.04
N ALA A 70 -0.92 25.61 -9.60
CA ALA A 70 -0.97 26.87 -10.36
C ALA A 70 -1.89 26.76 -11.59
N GLN A 71 -2.00 25.55 -12.13
CA GLN A 71 -2.95 25.26 -13.20
C GLN A 71 -4.42 25.22 -12.77
N GLY A 72 -4.70 25.34 -11.47
CA GLY A 72 -6.06 25.31 -10.96
C GLY A 72 -6.64 23.93 -10.65
N LYS A 73 -5.83 22.91 -10.81
CA LYS A 73 -6.29 21.53 -10.68
C LYS A 73 -6.56 21.27 -9.19
N PRO A 74 -7.76 20.73 -8.85
CA PRO A 74 -8.05 20.46 -7.40
C PRO A 74 -7.09 19.50 -6.75
N MET A 75 -6.82 19.71 -5.45
CA MET A 75 -5.91 18.84 -4.67
C MET A 75 -6.58 18.59 -3.32
N PHE A 76 -6.56 17.34 -2.91
CA PHE A 76 -7.25 16.87 -1.70
C PHE A 76 -6.22 16.18 -0.86
N GLY A 77 -5.85 16.81 0.27
CA GLY A 77 -4.92 16.27 1.26
C GLY A 77 -5.71 15.60 2.36
N THR A 78 -5.49 14.30 2.54
CA THR A 78 -6.21 13.53 3.57
C THR A 78 -5.20 13.01 4.52
N CYS A 79 -5.55 13.03 5.81
CA CYS A 79 -4.65 12.46 6.83
C CYS A 79 -3.25 13.10 6.68
N ALA A 80 -2.16 12.35 6.44
CA ALA A 80 -0.83 12.94 6.22
C ALA A 80 -0.75 13.95 5.11
N GLY A 81 -1.52 13.73 4.04
CA GLY A 81 -1.41 14.62 2.89
C GLY A 81 -1.92 16.01 3.25
N LEU A 82 -2.73 16.10 4.30
CA LEU A 82 -3.18 17.39 4.75
C LEU A 82 -1.94 18.18 5.18
N ILE A 83 -1.00 17.51 5.88
CA ILE A 83 0.25 18.15 6.31
C ILE A 83 1.03 18.66 5.11
N ILE A 84 1.15 17.84 4.09
CA ILE A 84 1.88 18.21 2.87
C ILE A 84 1.25 19.43 2.16
N LEU A 85 -0.08 19.51 2.12
CA LEU A 85 -0.79 20.58 1.41
C LEU A 85 -0.82 21.90 2.15
N ALA A 86 -0.75 21.86 3.48
CA ALA A 86 -1.06 23.03 4.30
C ALA A 86 0.21 23.56 4.97
N LYS A 87 0.05 24.22 6.11
CA LYS A 87 1.21 24.91 6.79
C LYS A 87 1.51 24.21 8.12
N GLU A 88 2.72 24.40 8.70
CA GLU A 88 3.01 23.93 10.08
C GLU A 88 3.39 25.15 10.89
N ILE A 89 3.46 25.03 12.22
CA ILE A 89 3.75 26.22 13.03
C ILE A 89 5.16 26.70 12.64
N ALA A 90 5.43 27.99 12.48
CA ALA A 90 4.77 29.15 13.07
C ALA A 90 5.66 29.84 14.09
N PRO A 95 8.05 22.67 6.31
CA PRO A 95 7.78 23.24 5.00
C PRO A 95 6.48 22.72 4.38
N HIS A 96 6.68 21.91 3.36
CA HIS A 96 5.67 21.40 2.48
C HIS A 96 5.01 22.55 1.69
N LEU A 97 3.84 22.31 1.13
CA LEU A 97 3.41 23.15 0.02
C LEU A 97 2.84 24.50 0.49
N GLY A 98 2.21 24.53 1.65
CA GLY A 98 1.59 25.74 2.13
C GLY A 98 0.51 26.35 1.22
N LEU A 99 -0.21 25.50 0.47
CA LEU A 99 -1.28 25.91 -0.45
C LEU A 99 -2.62 26.06 0.21
N LEU A 100 -2.91 25.16 1.15
CA LEU A 100 -4.13 25.27 1.93
C LEU A 100 -3.81 26.08 3.21
N ASN A 101 -4.57 27.15 3.45
CA ASN A 101 -4.21 28.11 4.51
C ASN A 101 -4.70 27.72 5.85
N VAL A 102 -4.22 26.55 6.31
CA VAL A 102 -4.49 26.07 7.66
C VAL A 102 -3.14 25.62 8.29
N VAL A 103 -2.99 25.87 9.57
CA VAL A 103 -1.83 25.39 10.32
C VAL A 103 -2.16 24.05 10.96
N VAL A 104 -1.31 23.07 10.71
CA VAL A 104 -1.57 21.65 11.04
C VAL A 104 -0.48 21.20 12.00
N GLU A 105 -0.88 20.40 12.99
CA GLU A 105 0.04 19.76 13.90
C GLU A 105 -0.04 18.24 13.67
N ARG A 106 1.12 17.60 13.67
CA ARG A 106 1.19 16.14 13.56
C ARG A 106 0.56 15.47 14.76
N ASN A 107 0.07 14.24 14.59
CA ASN A 107 -0.42 13.43 15.72
C ASN A 107 0.58 13.33 16.84
N SER A 108 0.07 13.36 18.09
CA SER A 108 0.96 13.16 19.25
C SER A 108 0.51 12.01 20.15
N PHE A 109 -0.53 11.29 19.76
CA PHE A 109 -1.07 10.19 20.59
C PHE A 109 -0.28 8.93 20.34
N GLY A 110 -0.10 8.14 21.38
CA GLY A 110 0.60 6.88 21.22
C GLY A 110 -0.13 5.87 20.41
N ARG A 111 0.62 4.85 20.04
CA ARG A 111 0.12 3.84 19.14
C ARG A 111 -1.09 3.05 19.66
N GLN A 112 -1.29 2.94 20.96
CA GLN A 112 -2.49 2.20 21.41
C GLN A 112 -3.72 3.03 21.59
N VAL A 113 -3.59 4.33 21.43
CA VAL A 113 -4.78 5.21 21.66
C VAL A 113 -4.94 6.21 20.52
N ASP A 114 -4.31 5.94 19.38
CA ASP A 114 -4.21 6.92 18.32
C ASP A 114 -5.36 6.86 17.30
N SER A 115 -6.38 6.03 17.55
CA SER A 115 -7.47 5.83 16.60
C SER A 115 -8.88 5.82 17.22
N PHE A 116 -9.82 6.36 16.48
CA PHE A 116 -11.23 6.36 16.92
C PHE A 116 -12.11 6.67 15.71
N GLU A 117 -13.40 6.39 15.85
CA GLU A 117 -14.31 6.83 14.80
C GLU A 117 -15.26 7.83 15.42
N ALA A 118 -15.76 8.73 14.61
CA ALA A 118 -16.76 9.69 15.09
C ALA A 118 -17.67 10.05 13.93
N ASP A 119 -18.96 10.12 14.24
CA ASP A 119 -19.93 10.58 13.28
C ASP A 119 -19.89 12.09 13.17
N LEU A 120 -19.70 12.53 11.95
CA LEU A 120 -19.51 13.94 11.60
C LEU A 120 -20.64 14.52 10.75
N THR A 121 -20.97 15.78 11.01
CA THR A 121 -21.85 16.58 10.12
C THR A 121 -20.88 17.30 9.18
N ILE A 122 -21.04 17.06 7.89
CA ILE A 122 -20.18 17.69 6.88
C ILE A 122 -21.10 18.49 5.97
N LYS A 123 -20.74 19.75 5.81
CA LYS A 123 -21.40 20.64 4.87
C LYS A 123 -21.40 20.00 3.50
N GLY A 124 -22.60 19.84 2.95
CA GLY A 124 -22.78 19.25 1.63
C GLY A 124 -23.29 17.83 1.73
N LEU A 125 -23.33 17.30 2.94
CA LEU A 125 -23.83 15.93 3.15
C LEU A 125 -25.01 16.03 4.09
N ASP A 126 -26.08 15.31 3.75
CA ASP A 126 -27.24 15.27 4.61
C ASP A 126 -27.02 14.44 5.89
N GLU A 127 -26.86 13.13 5.78
CA GLU A 127 -26.77 12.26 6.92
C GLU A 127 -25.33 12.36 7.44
N PRO A 128 -25.15 12.10 8.75
CA PRO A 128 -23.80 12.08 9.29
C PRO A 128 -22.89 11.17 8.52
N PHE A 129 -21.57 11.43 8.63
CA PHE A 129 -20.56 10.67 7.93
C PHE A 129 -19.64 10.09 8.99
N THR A 130 -19.38 8.78 8.94
CA THR A 130 -18.50 8.15 9.93
C THR A 130 -17.01 8.41 9.57
N GLY A 131 -16.41 9.31 10.33
CA GLY A 131 -15.03 9.63 10.15
C GLY A 131 -14.15 8.64 10.84
N VAL A 132 -13.15 8.13 10.14
CA VAL A 132 -12.16 7.22 10.64
C VAL A 132 -10.85 7.94 10.92
N PHE A 133 -10.54 8.10 12.21
CA PHE A 133 -9.38 8.85 12.61
C PHE A 133 -8.28 7.92 13.08
N ILE A 134 -7.11 8.01 12.44
CA ILE A 134 -5.96 7.16 12.71
C ILE A 134 -4.74 8.03 12.65
N ARG A 135 -4.19 8.31 13.83
CA ARG A 135 -3.09 9.24 13.96
C ARG A 135 -3.43 10.54 13.26
N ALA A 136 -4.63 11.05 13.52
CA ALA A 136 -5.14 12.22 12.81
C ALA A 136 -4.30 13.44 13.13
N PRO A 137 -3.92 14.20 12.11
CA PRO A 137 -3.31 15.51 12.37
C PRO A 137 -4.38 16.42 12.97
N HIS A 138 -3.98 17.52 13.60
CA HIS A 138 -4.91 18.48 14.14
C HIS A 138 -4.73 19.80 13.43
N ILE A 139 -5.83 20.38 12.97
CA ILE A 139 -5.78 21.74 12.45
C ILE A 139 -5.86 22.68 13.60
N LEU A 140 -4.84 23.51 13.77
CA LEU A 140 -4.77 24.47 14.87
C LEU A 140 -5.47 25.80 14.57
N GLU A 141 -5.41 26.22 13.32
CA GLU A 141 -6.09 27.42 12.89
C GLU A 141 -6.32 27.44 11.39
N ALA A 142 -7.42 28.04 10.97
CA ALA A 142 -7.77 28.15 9.56
C ALA A 142 -7.79 29.63 9.21
N GLY A 143 -7.23 29.97 8.05
CA GLY A 143 -7.31 31.38 7.62
C GLY A 143 -8.72 31.81 7.25
N GLU A 144 -8.87 33.12 7.08
CA GLU A 144 -10.16 33.72 6.72
C GLU A 144 -10.72 33.37 5.35
N ASN A 145 -9.86 32.82 4.46
CA ASN A 145 -10.16 32.37 3.12
C ASN A 145 -10.59 30.89 3.07
N VAL A 146 -10.61 30.24 4.21
CA VAL A 146 -10.89 28.82 4.30
C VAL A 146 -12.33 28.54 4.80
N GLU A 147 -13.05 27.69 4.06
CA GLU A 147 -14.41 27.30 4.41
C GLU A 147 -14.38 26.07 5.24
N VAL A 148 -14.95 26.13 6.44
CA VAL A 148 -14.95 24.96 7.34
C VAL A 148 -16.12 24.07 6.91
N LEU A 149 -15.82 22.80 6.57
CA LEU A 149 -16.84 21.84 6.12
C LEU A 149 -17.31 20.97 7.27
N SER A 150 -16.44 20.73 8.24
CA SER A 150 -16.83 19.91 9.36
C SER A 150 -15.96 20.21 10.56
N GLU A 151 -16.59 20.21 11.74
CA GLU A 151 -15.86 20.33 12.97
C GLU A 151 -16.34 19.23 13.90
N HIS A 152 -15.45 18.78 14.78
CA HIS A 152 -15.76 17.71 15.77
C HIS A 152 -15.20 18.17 17.09
N ASN A 153 -16.10 18.36 18.06
CA ASN A 153 -15.67 18.87 19.36
C ASN A 153 -14.76 20.12 19.27
N GLY A 154 -15.13 21.02 18.38
CA GLY A 154 -14.51 22.32 18.31
C GLY A 154 -13.26 22.35 17.44
N ARG A 155 -12.92 21.19 16.88
CA ARG A 155 -11.73 21.13 16.01
C ARG A 155 -12.16 20.97 14.59
N ILE A 156 -11.57 21.79 13.69
CA ILE A 156 -11.83 21.69 12.26
C ILE A 156 -11.28 20.37 11.76
N VAL A 157 -12.12 19.53 11.16
CA VAL A 157 -11.69 18.24 10.60
C VAL A 157 -11.84 18.09 9.08
N ALA A 158 -12.51 19.04 8.44
CA ALA A 158 -12.57 19.13 7.00
C ALA A 158 -12.67 20.57 6.60
N ALA A 159 -11.94 20.93 5.58
CA ALA A 159 -11.86 22.34 5.19
C ALA A 159 -11.70 22.46 3.71
N LYS A 160 -12.14 23.57 3.12
CA LYS A 160 -12.06 23.75 1.68
C LYS A 160 -11.64 25.17 1.41
N GLN A 161 -10.84 25.32 0.35
CA GLN A 161 -10.34 26.65 -0.06
C GLN A 161 -10.12 26.63 -1.54
N GLY A 162 -11.10 27.14 -2.30
CA GLY A 162 -10.99 27.16 -3.74
C GLY A 162 -10.91 25.75 -4.31
N GLN A 163 -9.74 25.43 -4.88
CA GLN A 163 -9.48 24.15 -5.53
C GLN A 163 -8.99 23.10 -4.51
N PHE A 164 -8.68 23.57 -3.29
CA PHE A 164 -8.09 22.71 -2.22
C PHE A 164 -9.12 22.15 -1.25
N LEU A 165 -8.94 20.89 -0.88
CA LEU A 165 -9.78 20.24 0.04
C LEU A 165 -8.85 19.53 1.02
N GLY A 166 -9.18 19.57 2.32
CA GLY A 166 -8.37 18.89 3.32
C GLY A 166 -9.23 18.25 4.37
N CYS A 167 -8.85 17.05 4.81
CA CYS A 167 -9.47 16.47 6.01
C CYS A 167 -8.50 15.66 6.81
N SER A 168 -8.78 15.57 8.13
CA SER A 168 -7.88 14.84 9.01
C SER A 168 -8.22 13.39 9.27
N PHE A 169 -9.33 12.92 8.75
CA PHE A 169 -9.80 11.54 8.87
C PHE A 169 -9.62 10.88 7.49
N HIS A 170 -9.88 9.58 7.45
CA HIS A 170 -9.74 8.76 6.25
C HIS A 170 -11.06 8.57 5.53
N PRO A 171 -11.36 9.38 4.54
CA PRO A 171 -12.70 9.26 3.92
C PRO A 171 -12.82 8.04 3.00
N GLU A 172 -11.73 7.28 2.82
CA GLU A 172 -11.69 6.17 1.89
C GLU A 172 -11.81 4.83 2.61
N LEU A 173 -11.65 4.83 3.94
CA LEU A 173 -11.73 3.58 4.75
C LEU A 173 -13.13 3.28 5.20
N THR A 174 -14.09 3.40 4.28
CA THR A 174 -15.48 3.25 4.53
C THR A 174 -16.10 2.96 3.18
N GLU A 175 -17.29 2.39 3.16
CA GLU A 175 -18.02 2.25 1.89
C GLU A 175 -18.89 3.48 1.56
N ASP A 176 -18.82 4.49 2.43
CA ASP A 176 -19.57 5.74 2.23
C ASP A 176 -18.69 6.67 1.41
N HIS A 177 -19.01 6.86 0.15
CA HIS A 177 -18.11 7.63 -0.72
C HIS A 177 -18.47 9.11 -0.83
N ARG A 178 -19.28 9.63 0.10
CA ARG A 178 -19.83 10.97 -0.04
C ARG A 178 -18.77 12.03 0.06
N VAL A 179 -17.74 11.78 0.86
CA VAL A 179 -16.62 12.79 0.93
C VAL A 179 -15.77 12.79 -0.37
N THR A 180 -15.41 11.60 -0.88
CA THR A 180 -14.72 11.54 -2.15
C THR A 180 -15.56 12.23 -3.23
N GLN A 181 -16.88 12.04 -3.17
CA GLN A 181 -17.78 12.68 -4.14
C GLN A 181 -17.69 14.18 -4.09
N LEU A 182 -17.58 14.76 -2.89
CA LEU A 182 -17.40 16.20 -2.78
C LEU A 182 -16.20 16.62 -3.59
N PHE A 183 -15.12 15.86 -3.46
CA PHE A 183 -13.90 16.13 -4.24
C PHE A 183 -14.07 15.95 -5.73
N VAL A 184 -14.71 14.88 -6.14
CA VAL A 184 -15.02 14.66 -7.55
C VAL A 184 -15.83 15.84 -8.10
N GLU A 185 -16.80 16.36 -7.36
CA GLU A 185 -17.53 17.56 -7.78
C GLU A 185 -16.64 18.79 -7.95
N MET A 186 -15.66 18.98 -7.06
CA MET A 186 -14.68 20.07 -7.25
C MET A 186 -13.89 19.89 -8.55
N VAL A 187 -13.57 18.64 -8.89
CA VAL A 187 -12.80 18.36 -10.10
C VAL A 187 -13.67 18.61 -11.33
N GLU A 188 -14.93 18.18 -11.25
CA GLU A 188 -15.90 18.40 -12.34
C GLU A 188 -16.04 19.88 -12.58
N GLU A 189 -16.13 20.62 -11.50
CA GLU A 189 -16.18 22.07 -11.54
C GLU A 189 -14.94 22.75 -12.16
N TYR A 190 -13.75 22.30 -11.81
CA TYR A 190 -12.54 22.71 -12.52
C TYR A 190 -12.63 22.33 -14.02
N LYS A 191 -13.11 21.13 -14.29
CA LYS A 191 -13.05 20.59 -15.69
C LYS A 191 -13.93 21.47 -16.59
N GLN A 192 -15.03 21.95 -16.03
CA GLN A 192 -15.99 22.76 -16.77
C GLN A 192 -15.43 24.12 -17.10
N LYS A 193 -14.69 24.69 -16.16
CA LYS A 193 -14.12 26.02 -16.37
C LYS A 193 -12.82 25.98 -17.16
N ALA A 194 -12.12 24.84 -17.13
CA ALA A 194 -10.82 24.72 -17.79
C ALA A 194 -10.92 25.21 -19.24
N LEU A 195 -9.95 26.01 -19.68
CA LEU A 195 -9.88 26.49 -21.09
C LEU A 195 -8.75 25.75 -21.78
N MET B 1 -15.16 -18.67 -0.93
CA MET B 1 -14.31 -17.46 -0.73
C MET B 1 -12.93 -17.72 -1.36
N LEU B 2 -11.94 -16.87 -1.10
CA LEU B 2 -10.62 -17.10 -1.66
C LEU B 2 -9.96 -18.21 -0.90
N THR B 3 -9.23 -19.05 -1.62
CA THR B 3 -8.40 -20.07 -1.00
C THR B 3 -6.93 -19.87 -1.38
N ILE B 4 -6.06 -19.82 -0.39
CA ILE B 4 -4.62 -19.65 -0.64
C ILE B 4 -3.89 -20.90 -0.17
N GLY B 5 -3.06 -21.47 -1.01
CA GLY B 5 -2.30 -22.65 -0.67
C GLY B 5 -0.98 -22.29 -0.06
N VAL B 6 -0.38 -23.18 0.70
CA VAL B 6 0.96 -22.95 1.22
C VAL B 6 1.64 -24.25 0.87
N LEU B 7 2.71 -24.18 0.09
CA LEU B 7 3.42 -25.35 -0.34
C LEU B 7 4.18 -26.00 0.82
N GLY B 8 3.93 -27.28 1.04
CA GLY B 8 4.71 -28.01 1.99
C GLY B 8 3.77 -28.72 2.89
N ALA B 12 7.10 -22.77 8.90
CA ALA B 12 6.04 -22.13 9.70
C ALA B 12 4.73 -22.10 8.93
N VAL B 13 4.36 -23.26 8.40
CA VAL B 13 3.18 -23.38 7.53
C VAL B 13 1.93 -23.15 8.35
N ARG B 14 1.94 -23.65 9.60
CA ARG B 14 0.85 -23.33 10.52
C ARG B 14 0.64 -21.83 10.64
N GLU B 15 1.74 -21.09 10.81
CA GLU B 15 1.68 -19.66 11.02
C GLU B 15 1.25 -18.97 9.72
N HIS B 16 1.66 -19.52 8.59
CA HIS B 16 1.20 -18.95 7.30
C HIS B 16 -0.28 -19.15 7.09
N ILE B 17 -0.73 -20.36 7.44
CA ILE B 17 -2.15 -20.70 7.35
C ILE B 17 -2.99 -19.74 8.25
N HIS B 18 -2.52 -19.54 9.49
CA HIS B 18 -3.16 -18.64 10.45
C HIS B 18 -3.27 -17.20 9.94
N ALA B 19 -2.20 -16.68 9.34
CA ALA B 19 -2.24 -15.32 8.75
C ALA B 19 -3.23 -15.23 7.62
N ILE B 20 -3.19 -16.23 6.74
CA ILE B 20 -4.18 -16.31 5.67
C ILE B 20 -5.61 -16.26 6.21
N GLU B 21 -5.90 -17.12 7.19
CA GLU B 21 -7.24 -17.13 7.82
C GLU B 21 -7.56 -15.79 8.49
N ALA B 22 -6.55 -15.19 9.10
CA ALA B 22 -6.69 -13.87 9.70
C ALA B 22 -7.11 -12.82 8.69
N CYS B 23 -6.79 -13.04 7.42
CA CYS B 23 -7.14 -12.10 6.38
C CYS B 23 -8.47 -12.44 5.72
N GLY B 24 -9.22 -13.38 6.29
CA GLY B 24 -10.54 -13.71 5.77
C GLY B 24 -10.55 -14.64 4.59
N ALA B 25 -9.44 -15.36 4.39
CA ALA B 25 -9.32 -16.36 3.33
C ALA B 25 -9.19 -17.74 3.92
N ALA B 26 -9.40 -18.77 3.10
CA ALA B 26 -9.13 -20.16 3.51
C ALA B 26 -7.72 -20.51 3.14
N GLY B 27 -7.08 -21.31 3.97
CA GLY B 27 -5.72 -21.79 3.72
C GLY B 27 -5.77 -23.27 3.44
N LEU B 28 -4.97 -23.72 2.50
CA LEU B 28 -4.87 -25.15 2.21
C LEU B 28 -3.39 -25.50 2.20
N VAL B 29 -3.02 -26.56 2.90
CA VAL B 29 -1.64 -27.04 2.81
C VAL B 29 -1.46 -27.88 1.55
N VAL B 30 -0.63 -27.39 0.65
CA VAL B 30 -0.42 -28.04 -0.64
C VAL B 30 0.75 -29.01 -0.57
N LYS B 31 0.39 -30.31 -0.51
CA LYS B 31 1.29 -31.43 -0.40
C LYS B 31 1.46 -32.18 -1.72
N ARG B 32 0.49 -32.03 -2.62
CA ARG B 32 0.45 -32.70 -3.92
C ARG B 32 0.14 -31.74 -5.03
N PRO B 33 0.76 -31.91 -6.19
CA PRO B 33 0.54 -30.91 -7.25
C PRO B 33 -0.92 -30.76 -7.69
N GLU B 34 -1.66 -31.85 -7.57
CA GLU B 34 -3.11 -31.83 -7.88
C GLU B 34 -3.84 -30.76 -7.08
N GLN B 35 -3.34 -30.51 -5.88
CA GLN B 35 -3.95 -29.53 -4.99
C GLN B 35 -3.82 -28.09 -5.49
N LEU B 36 -2.90 -27.84 -6.42
CA LEU B 36 -2.77 -26.47 -6.99
C LEU B 36 -4.02 -26.05 -7.72
N ASN B 37 -4.80 -27.03 -8.20
CA ASN B 37 -6.10 -26.69 -8.81
C ASN B 37 -7.17 -26.24 -7.83
N GLU B 38 -6.92 -26.46 -6.55
CA GLU B 38 -7.90 -26.13 -5.51
C GLU B 38 -7.71 -24.77 -4.87
N VAL B 39 -6.68 -24.04 -5.33
CA VAL B 39 -6.33 -22.76 -4.71
C VAL B 39 -6.22 -21.65 -5.77
N ASP B 40 -6.43 -20.43 -5.33
CA ASP B 40 -6.39 -19.19 -6.15
C ASP B 40 -5.02 -18.49 -6.17
N GLY B 41 -4.19 -18.82 -5.17
CA GLY B 41 -2.80 -18.30 -5.09
C GLY B 41 -2.00 -19.23 -4.21
N LEU B 42 -0.69 -19.09 -4.20
CA LEU B 42 0.19 -20.00 -3.50
C LEU B 42 1.27 -19.23 -2.75
N ILE B 43 1.49 -19.61 -1.50
CA ILE B 43 2.67 -19.14 -0.77
C ILE B 43 3.71 -20.26 -0.80
N LEU B 44 4.95 -19.91 -1.20
CA LEU B 44 6.10 -20.81 -1.21
C LEU B 44 7.01 -20.36 -0.05
N PRO B 45 6.96 -21.03 1.10
CA PRO B 45 7.60 -20.61 2.32
C PRO B 45 9.01 -21.14 2.36
N GLY B 46 9.68 -20.85 3.49
CA GLY B 46 11.03 -21.25 3.70
C GLY B 46 11.11 -22.68 4.18
N GLY B 47 12.21 -22.96 4.85
CA GLY B 47 12.50 -24.29 5.36
C GLY B 47 13.87 -24.75 4.89
N GLU B 48 14.30 -25.89 5.41
CA GLU B 48 15.62 -26.41 5.02
C GLU B 48 15.56 -27.12 3.67
N SER B 49 16.42 -26.65 2.78
CA SER B 49 16.62 -27.24 1.44
C SER B 49 16.39 -28.72 1.16
N THR B 50 16.58 -29.61 2.13
CA THR B 50 16.27 -31.02 1.91
C THR B 50 14.80 -31.29 1.67
N THR B 51 13.97 -30.96 2.64
CA THR B 51 12.56 -31.36 2.62
C THR B 51 11.83 -30.74 1.46
N MET B 52 12.12 -29.47 1.21
CA MET B 52 11.41 -28.78 0.13
C MET B 52 11.90 -29.30 -1.20
N ARG B 53 13.21 -29.52 -1.35
CA ARG B 53 13.68 -30.14 -2.57
C ARG B 53 13.10 -31.57 -2.72
N ARG B 54 13.05 -32.30 -1.61
CA ARG B 54 12.48 -33.66 -1.62
C ARG B 54 11.04 -33.62 -2.10
N LEU B 55 10.28 -32.66 -1.56
CA LEU B 55 8.89 -32.52 -1.95
C LEU B 55 8.75 -32.26 -3.43
N ILE B 56 9.41 -31.21 -3.89
CA ILE B 56 9.37 -30.72 -5.27
C ILE B 56 9.83 -31.77 -6.28
N ASP B 57 10.97 -32.38 -6.00
CA ASP B 57 11.64 -33.33 -6.92
C ASP B 57 10.93 -34.69 -6.96
N THR B 58 10.37 -35.13 -5.84
CA THR B 58 9.79 -36.46 -5.81
C THR B 58 8.37 -36.43 -6.31
N TYR B 59 7.69 -35.30 -6.10
CA TYR B 59 6.33 -35.17 -6.56
C TYR B 59 6.21 -34.45 -7.90
N GLN B 60 7.32 -34.01 -8.48
CA GLN B 60 7.32 -33.37 -9.80
C GLN B 60 6.46 -32.11 -9.81
N PHE B 61 6.79 -31.18 -8.93
CA PHE B 61 6.00 -29.98 -8.78
C PHE B 61 6.35 -28.95 -9.82
N MET B 62 7.52 -29.04 -10.43
CA MET B 62 7.99 -27.92 -11.23
C MET B 62 7.12 -27.61 -12.40
N GLU B 63 6.78 -28.59 -13.23
CA GLU B 63 5.87 -28.25 -14.31
C GLU B 63 4.50 -27.74 -13.84
N PRO B 64 3.86 -28.39 -12.85
CA PRO B 64 2.58 -27.88 -12.34
C PRO B 64 2.65 -26.47 -11.77
N LEU B 65 3.80 -26.13 -11.15
CA LEU B 65 3.97 -24.76 -10.65
C LEU B 65 4.06 -23.77 -11.81
N ARG B 66 4.73 -24.15 -12.89
CA ARG B 66 4.82 -23.33 -14.08
C ARG B 66 3.43 -23.15 -14.70
N GLU B 67 2.64 -24.22 -14.69
CA GLU B 67 1.28 -24.19 -15.24
C GLU B 67 0.40 -23.30 -14.40
N PHE B 68 0.59 -23.36 -13.08
CA PHE B 68 -0.16 -22.52 -12.12
C PHE B 68 0.09 -21.05 -12.39
N ALA B 69 1.35 -20.71 -12.59
CA ALA B 69 1.72 -19.35 -12.91
C ALA B 69 1.14 -18.91 -14.27
N ALA B 70 1.12 -19.82 -15.23
CA ALA B 70 0.58 -19.51 -16.57
C ALA B 70 -0.91 -19.13 -16.56
N GLN B 71 -1.63 -19.69 -15.59
CA GLN B 71 -3.03 -19.40 -15.39
C GLN B 71 -3.26 -18.02 -14.77
N GLY B 72 -2.18 -17.35 -14.36
CA GLY B 72 -2.29 -16.02 -13.74
C GLY B 72 -2.37 -15.96 -12.21
N LYS B 73 -2.26 -17.12 -11.61
CA LYS B 73 -2.57 -17.24 -10.19
C LYS B 73 -1.34 -16.67 -9.43
N PRO B 74 -1.58 -15.74 -8.52
CA PRO B 74 -0.41 -15.16 -7.79
C PRO B 74 0.37 -16.14 -6.94
N MET B 75 1.66 -15.80 -6.75
CA MET B 75 2.60 -16.65 -6.02
C MET B 75 3.47 -15.77 -5.17
N PHE B 76 3.70 -16.17 -3.93
CA PHE B 76 4.42 -15.33 -2.95
C PHE B 76 5.55 -16.20 -2.44
N GLY B 77 6.81 -15.81 -2.70
CA GLY B 77 7.98 -16.59 -2.26
C GLY B 77 8.49 -15.85 -1.06
N THR B 78 8.54 -16.50 0.09
CA THR B 78 9.01 -15.84 1.28
C THR B 78 10.14 -16.60 1.84
N CYS B 79 11.04 -15.84 2.47
CA CYS B 79 12.23 -16.38 3.08
C CYS B 79 12.85 -17.27 2.02
N ALA B 80 13.19 -18.50 2.33
CA ALA B 80 13.80 -19.34 1.32
C ALA B 80 12.99 -19.71 0.09
N GLY B 81 11.66 -19.55 0.15
CA GLY B 81 10.81 -19.87 -1.00
C GLY B 81 11.00 -18.81 -2.11
N LEU B 82 11.63 -17.72 -1.74
CA LEU B 82 11.97 -16.69 -2.72
C LEU B 82 12.91 -17.28 -3.75
N ILE B 83 13.85 -18.11 -3.28
CA ILE B 83 14.78 -18.75 -4.20
C ILE B 83 14.04 -19.61 -5.26
N ILE B 84 13.02 -20.36 -4.87
CA ILE B 84 12.26 -21.20 -5.79
C ILE B 84 11.53 -20.33 -6.88
N LEU B 85 10.98 -19.20 -6.46
CA LEU B 85 10.19 -18.37 -7.34
C LEU B 85 11.05 -17.58 -8.34
N ALA B 86 12.29 -17.33 -7.93
CA ALA B 86 13.27 -16.44 -8.60
C ALA B 86 14.41 -17.23 -9.20
N LYS B 87 15.61 -16.69 -9.10
CA LYS B 87 16.81 -17.26 -9.72
C LYS B 87 17.98 -17.15 -8.77
N GLU B 88 18.98 -18.01 -8.95
CA GLU B 88 20.25 -17.92 -8.19
C GLU B 88 21.31 -17.70 -9.22
N ILE B 89 22.51 -17.29 -8.82
CA ILE B 89 23.57 -17.08 -9.84
C ILE B 89 23.75 -18.31 -10.74
N ASN B 94 19.06 -26.29 -7.65
CA ASN B 94 18.51 -26.26 -9.00
C ASN B 94 17.01 -26.23 -9.25
N PRO B 95 16.16 -26.38 -8.21
CA PRO B 95 14.77 -25.99 -8.47
C PRO B 95 14.64 -24.46 -8.41
N HIS B 96 14.47 -23.82 -9.56
CA HIS B 96 13.95 -22.45 -9.57
C HIS B 96 13.07 -22.25 -10.79
N LEU B 97 12.01 -21.54 -10.55
CA LEU B 97 11.04 -21.27 -11.57
C LEU B 97 11.49 -20.09 -12.42
N GLY B 98 12.29 -19.21 -11.86
CA GLY B 98 12.68 -18.00 -12.57
C GLY B 98 11.57 -17.12 -13.06
N LEU B 99 10.45 -17.10 -12.34
CA LEU B 99 9.26 -16.30 -12.65
C LEU B 99 9.38 -14.90 -12.13
N LEU B 100 9.85 -14.75 -10.89
CA LEU B 100 10.13 -13.43 -10.33
C LEU B 100 11.55 -13.02 -10.77
N ASN B 101 11.67 -11.87 -11.44
CA ASN B 101 12.90 -11.52 -12.12
C ASN B 101 13.87 -10.82 -11.19
N VAL B 102 14.24 -11.54 -10.14
CA VAL B 102 15.32 -11.16 -9.28
C VAL B 102 16.29 -12.30 -9.14
N VAL B 103 17.54 -11.99 -8.76
CA VAL B 103 18.56 -12.98 -8.46
C VAL B 103 18.81 -12.93 -6.94
N VAL B 104 18.86 -14.12 -6.34
CA VAL B 104 18.91 -14.24 -4.92
C VAL B 104 20.10 -15.15 -4.55
N GLU B 105 20.72 -14.83 -3.43
CA GLU B 105 21.72 -15.72 -2.83
C GLU B 105 21.32 -16.02 -1.41
N ARG B 106 21.79 -17.15 -0.91
CA ARG B 106 21.60 -17.51 0.48
C ARG B 106 22.37 -16.61 1.42
N ASN B 107 21.90 -16.47 2.65
CA ASN B 107 22.61 -15.67 3.67
C ASN B 107 24.03 -16.13 3.95
N SER B 108 24.93 -15.17 3.98
CA SER B 108 26.34 -15.38 4.11
C SER B 108 26.91 -14.90 5.44
N PHE B 109 26.04 -14.35 6.29
CA PHE B 109 26.48 -13.77 7.56
C PHE B 109 26.58 -14.81 8.69
N GLY B 110 27.39 -14.49 9.68
CA GLY B 110 27.59 -15.41 10.77
C GLY B 110 26.45 -15.58 11.72
N ARG B 111 26.51 -16.67 12.48
CA ARG B 111 25.41 -17.07 13.36
C ARG B 111 25.15 -16.08 14.47
N GLN B 112 26.14 -15.25 14.84
CA GLN B 112 25.88 -14.27 15.87
C GLN B 112 25.14 -13.03 15.40
N VAL B 113 25.08 -12.81 14.09
CA VAL B 113 24.52 -11.60 13.55
C VAL B 113 23.44 -11.88 12.52
N ASP B 114 23.10 -13.15 12.27
CA ASP B 114 22.21 -13.48 11.15
C ASP B 114 20.73 -13.39 11.40
N SER B 115 20.32 -12.97 12.61
CA SER B 115 18.89 -12.89 12.94
C SER B 115 18.54 -11.61 13.64
N PHE B 116 17.58 -10.87 13.12
CA PHE B 116 17.24 -9.56 13.67
C PHE B 116 15.83 -9.14 13.25
N GLU B 117 15.36 -8.05 13.86
CA GLU B 117 14.12 -7.42 13.43
C GLU B 117 14.44 -6.03 12.93
N ALA B 118 13.66 -5.54 11.98
CA ALA B 118 13.83 -4.20 11.45
C ALA B 118 12.48 -3.64 11.05
N ASP B 119 12.27 -2.37 11.41
CA ASP B 119 11.03 -1.70 11.01
C ASP B 119 11.17 -1.22 9.58
N LEU B 120 10.26 -1.71 8.75
CA LEU B 120 10.32 -1.48 7.33
C LEU B 120 9.21 -0.56 6.89
N THR B 121 9.55 0.30 5.95
CA THR B 121 8.62 1.06 5.13
C THR B 121 8.32 0.22 3.91
N ILE B 122 7.05 -0.14 3.77
CA ILE B 122 6.60 -1.03 2.68
C ILE B 122 5.56 -0.25 1.85
N LYS B 123 5.84 -0.11 0.57
CA LYS B 123 4.86 0.47 -0.35
C LYS B 123 3.54 -0.20 -0.21
N GLY B 124 2.47 0.60 -0.09
CA GLY B 124 1.14 0.06 0.11
C GLY B 124 0.70 -0.06 1.56
N LEU B 125 1.65 0.16 2.49
CA LEU B 125 1.31 0.14 3.95
C LEU B 125 1.55 1.53 4.51
N ASP B 126 0.61 1.99 5.32
CA ASP B 126 0.72 3.32 5.90
C ASP B 126 1.81 3.34 6.96
N GLU B 127 1.71 2.52 8.01
CA GLU B 127 2.69 2.49 9.09
C GLU B 127 3.80 1.44 8.84
N PRO B 128 4.99 1.59 9.47
CA PRO B 128 6.06 0.61 9.38
C PRO B 128 5.70 -0.78 9.85
N PHE B 129 6.36 -1.76 9.27
CA PHE B 129 6.05 -3.16 9.48
C PHE B 129 7.31 -3.78 10.02
N THR B 130 7.21 -4.44 11.17
CA THR B 130 8.38 -5.09 11.77
C THR B 130 8.66 -6.40 11.06
N GLY B 131 9.71 -6.38 10.25
CA GLY B 131 10.20 -7.56 9.59
C GLY B 131 11.12 -8.41 10.46
N VAL B 132 10.87 -9.72 10.43
CA VAL B 132 11.64 -10.74 11.17
C VAL B 132 12.58 -11.44 10.18
N PHE B 133 13.87 -11.20 10.33
CA PHE B 133 14.88 -11.71 9.43
C PHE B 133 15.71 -12.77 10.15
N ILE B 134 15.65 -13.98 9.60
CA ILE B 134 16.39 -15.10 10.17
C ILE B 134 17.14 -15.82 9.07
N ARG B 135 18.45 -15.58 8.97
CA ARG B 135 19.22 -16.13 7.89
C ARG B 135 18.56 -15.79 6.57
N ALA B 136 18.14 -14.55 6.44
CA ALA B 136 17.37 -14.11 5.28
C ALA B 136 18.18 -14.24 4.01
N PRO B 137 17.55 -14.66 2.91
CA PRO B 137 18.20 -14.57 1.59
C PRO B 137 18.41 -13.16 1.18
N HIS B 138 19.37 -12.96 0.29
CA HIS B 138 19.70 -11.63 -0.23
C HIS B 138 19.31 -11.52 -1.67
N ILE B 139 18.51 -10.50 -1.97
CA ILE B 139 18.24 -10.17 -3.34
C ILE B 139 19.39 -9.37 -3.87
N LEU B 140 20.12 -9.93 -4.82
CA LEU B 140 21.31 -9.34 -5.35
C LEU B 140 20.96 -8.27 -6.35
N GLU B 141 19.94 -8.54 -7.14
CA GLU B 141 19.65 -7.63 -8.26
C GLU B 141 18.21 -7.90 -8.68
N ALA B 142 17.53 -6.84 -9.08
CA ALA B 142 16.16 -6.91 -9.54
C ALA B 142 16.05 -6.31 -10.97
N GLY B 143 15.28 -6.97 -11.83
CA GLY B 143 15.09 -6.51 -13.18
C GLY B 143 14.29 -5.24 -13.25
N GLU B 144 14.22 -4.63 -14.43
CA GLU B 144 13.53 -3.38 -14.57
C GLU B 144 12.03 -3.47 -14.31
N ASN B 145 11.47 -4.65 -14.47
CA ASN B 145 10.00 -4.93 -14.37
C ASN B 145 9.57 -5.24 -12.93
N VAL B 146 10.50 -5.15 -11.99
CA VAL B 146 10.29 -5.51 -10.61
C VAL B 146 10.08 -4.23 -9.80
N GLU B 147 8.93 -4.14 -9.14
CA GLU B 147 8.67 -3.03 -8.17
C GLU B 147 9.29 -3.33 -6.84
N VAL B 148 10.12 -2.42 -6.37
CA VAL B 148 10.73 -2.60 -5.06
C VAL B 148 9.71 -2.06 -4.07
N LEU B 149 9.18 -2.95 -3.24
CA LEU B 149 8.22 -2.53 -2.20
C LEU B 149 8.87 -2.05 -0.91
N SER B 150 10.06 -2.56 -0.60
CA SER B 150 10.75 -2.22 0.64
C SER B 150 12.24 -2.52 0.51
N GLU B 151 13.07 -1.67 1.12
CA GLU B 151 14.50 -1.85 1.18
C GLU B 151 14.90 -1.66 2.65
N HIS B 152 15.99 -2.31 3.06
CA HIS B 152 16.53 -2.07 4.37
C HIS B 152 18.06 -2.14 4.28
N ASN B 153 18.68 -1.08 4.75
CA ASN B 153 20.14 -0.95 4.64
C ASN B 153 20.67 -1.20 3.26
N GLY B 154 19.97 -0.66 2.25
CA GLY B 154 20.40 -0.76 0.86
C GLY B 154 20.08 -2.07 0.17
N ARG B 155 19.37 -3.00 0.85
CA ARG B 155 19.07 -4.32 0.32
C ARG B 155 17.58 -4.37 0.08
N ILE B 156 17.18 -4.86 -1.07
CA ILE B 156 15.75 -5.06 -1.40
C ILE B 156 15.25 -6.18 -0.57
N VAL B 157 14.18 -5.97 0.20
CA VAL B 157 13.68 -7.02 1.08
C VAL B 157 12.21 -7.44 0.72
N ALA B 158 11.54 -6.67 -0.15
CA ALA B 158 10.22 -7.01 -0.66
C ALA B 158 10.08 -6.46 -2.04
N ALA B 159 9.53 -7.28 -2.92
CA ALA B 159 9.46 -6.93 -4.35
C ALA B 159 8.22 -7.51 -4.96
N LYS B 160 7.70 -6.82 -5.98
CA LYS B 160 6.47 -7.29 -6.62
C LYS B 160 6.62 -7.21 -8.13
N GLN B 161 6.05 -8.16 -8.82
CA GLN B 161 6.12 -8.17 -10.29
C GLN B 161 4.87 -8.84 -10.79
N GLY B 162 3.91 -8.04 -11.25
CA GLY B 162 2.60 -8.59 -11.64
C GLY B 162 1.94 -9.45 -10.58
N GLN B 163 1.85 -10.74 -10.87
CA GLN B 163 1.17 -11.74 -9.98
C GLN B 163 2.09 -12.25 -8.90
N PHE B 164 3.39 -11.87 -9.01
CA PHE B 164 4.46 -12.35 -8.11
C PHE B 164 4.82 -11.39 -6.99
N LEU B 165 4.96 -11.97 -5.79
CA LEU B 165 5.41 -11.22 -4.63
C LEU B 165 6.56 -11.98 -4.02
N GLY B 166 7.59 -11.28 -3.53
CA GLY B 166 8.65 -11.93 -2.76
C GLY B 166 9.12 -11.08 -1.62
N CYS B 167 9.55 -11.74 -0.55
CA CYS B 167 10.15 -11.04 0.58
C CYS B 167 11.16 -11.93 1.28
N SER B 168 12.14 -11.27 1.85
CA SER B 168 13.26 -12.04 2.47
C SER B 168 13.05 -12.24 3.98
N PHE B 169 12.06 -11.56 4.56
CA PHE B 169 11.70 -11.68 5.97
C PHE B 169 10.52 -12.61 6.14
N HIS B 170 10.17 -12.87 7.41
CA HIS B 170 9.07 -13.75 7.78
C HIS B 170 7.84 -12.93 8.10
N PRO B 171 6.96 -12.75 7.13
CA PRO B 171 5.77 -11.98 7.39
C PRO B 171 4.77 -12.69 8.31
N GLU B 172 4.94 -14.01 8.53
CA GLU B 172 3.98 -14.85 9.26
C GLU B 172 4.31 -14.97 10.74
N LEU B 173 5.48 -14.46 11.15
CA LEU B 173 5.95 -14.68 12.53
C LEU B 173 5.57 -13.54 13.45
N THR B 174 4.56 -12.80 13.05
CA THR B 174 4.16 -11.61 13.71
C THR B 174 2.65 -11.63 13.78
N GLU B 175 2.06 -10.86 14.68
CA GLU B 175 0.58 -10.77 14.65
C GLU B 175 0.09 -9.67 13.68
N ASP B 176 1.03 -9.06 12.95
CA ASP B 176 0.69 -7.99 12.01
C ASP B 176 0.56 -8.66 10.68
N HIS B 177 -0.66 -8.75 10.19
CA HIS B 177 -0.92 -9.53 8.98
C HIS B 177 -0.91 -8.76 7.69
N ARG B 178 -0.41 -7.53 7.74
CA ARG B 178 -0.53 -6.60 6.63
C ARG B 178 0.18 -7.02 5.37
N VAL B 179 1.33 -7.68 5.54
CA VAL B 179 2.04 -8.21 4.35
C VAL B 179 1.29 -9.42 3.72
N THR B 180 0.80 -10.37 4.53
CA THR B 180 -0.09 -11.38 3.99
C THR B 180 -1.27 -10.74 3.31
N GLN B 181 -1.76 -9.65 3.91
CA GLN B 181 -2.94 -9.02 3.32
C GLN B 181 -2.65 -8.47 1.91
N LEU B 182 -1.49 -7.90 1.72
CA LEU B 182 -1.11 -7.42 0.37
C LEU B 182 -1.19 -8.56 -0.61
N PHE B 183 -0.78 -9.74 -0.18
CA PHE B 183 -0.85 -10.89 -1.08
C PHE B 183 -2.29 -11.30 -1.31
N VAL B 184 -3.07 -11.36 -0.23
CA VAL B 184 -4.51 -11.68 -0.38
C VAL B 184 -5.18 -10.74 -1.38
N GLU B 185 -4.83 -9.46 -1.34
CA GLU B 185 -5.38 -8.47 -2.28
C GLU B 185 -4.97 -8.72 -3.74
N MET B 186 -3.75 -9.21 -3.94
CA MET B 186 -3.33 -9.62 -5.28
C MET B 186 -4.16 -10.81 -5.80
N VAL B 187 -4.43 -11.77 -4.90
CA VAL B 187 -5.21 -12.96 -5.26
C VAL B 187 -6.67 -12.52 -5.60
N GLU B 188 -7.18 -11.60 -4.80
CA GLU B 188 -8.53 -10.99 -4.97
C GLU B 188 -8.65 -10.32 -6.31
N GLU B 189 -7.68 -9.49 -6.64
CA GLU B 189 -7.59 -8.83 -7.96
C GLU B 189 -7.51 -9.85 -9.12
N TYR B 190 -6.73 -10.91 -8.93
CA TYR B 190 -6.68 -11.99 -9.91
C TYR B 190 -8.06 -12.65 -10.06
N LYS B 191 -8.71 -13.01 -8.95
CA LYS B 191 -10.02 -13.69 -9.02
C LYS B 191 -11.06 -12.82 -9.68
N GLN B 192 -11.01 -11.52 -9.41
CA GLN B 192 -11.95 -10.57 -10.02
C GLN B 192 -11.72 -10.49 -11.53
N LYS B 193 -10.46 -10.40 -11.95
CA LYS B 193 -10.10 -10.31 -13.37
C LYS B 193 -10.40 -11.62 -14.12
N ALA B 194 -10.43 -12.73 -13.39
CA ALA B 194 -10.76 -14.02 -13.96
C ALA B 194 -12.28 -14.11 -14.12
#